data_4D6Q
#
_entry.id   4D6Q
#
_cell.length_a   71.910
_cell.length_b   71.910
_cell.length_c   151.060
_cell.angle_alpha   90.00
_cell.angle_beta   90.00
_cell.angle_gamma   90.00
#
_symmetry.space_group_name_H-M   'P 43 21 2'
#
loop_
_entity.id
_entity.type
_entity.pdbx_description
1 polymer 'LYSINE-SPECIFIC DEMETHYLASE 4D'
2 non-polymer 'ZINC ION'
3 non-polymer 'NICKEL (II) ION'
4 non-polymer 'PYRIDINE-2,4-DICARBOXYLIC ACID'
5 non-polymer 1,2-ETHANEDIOL
6 non-polymer 'SULFATE ION'
7 water water
#
_entity_poly.entity_id   1
_entity_poly.type   'polypeptide(L)'
_entity_poly.pdbx_seq_one_letter_code
;SMETMKSKANCAQNPNCNIMIFHPTKEEFNDFDKYIAYMESQGAHRAGLAKIIPPKEWKARETYDNISEILIATPLQQVA
SGRAGVFTQYHKKKKAMTVGEYRHLANSKKYQTPPHQNFEDLERKYWKNRIYNSPIYGADISGSLFDENTKQWNLGHLGT
IQDLLEKECGVVIEGVNTPYLYFGMWKTTFAWHTEDMDLYSINYLHLGEPKTWYVVPPEHGQRLERLARELFPGSSRGCG
AFLRHKVALISPTVLKENGIPFNRITQEAGEFMVTFPYGYHAGFNHGFNCAEAINFATPRWIDYGKMASQCSCGEARVTF
SMDAFVRILQPERYDLWKRGQDR
;
_entity_poly.pdbx_strand_id   A
#
# COMPACT_ATOMS: atom_id res chain seq x y z
N ALA A 12 -27.11 7.78 -3.19
CA ALA A 12 -25.67 7.67 -2.98
C ALA A 12 -25.00 6.80 -4.03
N GLN A 13 -23.87 7.26 -4.54
CA GLN A 13 -23.14 6.56 -5.58
C GLN A 13 -22.38 5.36 -5.02
N ASN A 14 -22.37 4.27 -5.80
CA ASN A 14 -21.66 3.04 -5.46
C ASN A 14 -22.02 2.50 -4.06
N PRO A 15 -23.32 2.30 -3.80
CA PRO A 15 -23.73 1.90 -2.44
C PRO A 15 -23.21 0.50 -2.04
N ASN A 16 -22.95 -0.38 -3.00
CA ASN A 16 -22.41 -1.71 -2.68
C ASN A 16 -20.89 -1.69 -2.46
N CYS A 17 -20.25 -0.53 -2.63
CA CYS A 17 -18.81 -0.38 -2.35
C CYS A 17 -17.95 -1.25 -3.27
N ASN A 18 -18.34 -1.37 -4.54
CA ASN A 18 -17.55 -2.09 -5.52
C ASN A 18 -16.28 -1.34 -5.91
N ILE A 19 -15.20 -2.08 -6.22
CA ILE A 19 -14.00 -1.46 -6.77
C ILE A 19 -14.30 -0.97 -8.18
N MET A 20 -14.13 0.33 -8.42
CA MET A 20 -14.38 0.91 -9.74
C MET A 20 -13.07 1.06 -10.53
N ILE A 21 -13.21 0.96 -11.85
CA ILE A 21 -12.10 1.06 -12.79
C ILE A 21 -12.34 2.25 -13.72
N PHE A 22 -11.34 3.11 -13.85
CA PHE A 22 -11.48 4.34 -14.63
C PHE A 22 -10.53 4.36 -15.82
N HIS A 23 -11.03 4.94 -16.92
CA HIS A 23 -10.28 5.08 -18.18
C HIS A 23 -10.22 6.54 -18.61
N PRO A 24 -9.43 7.36 -17.90
CA PRO A 24 -9.35 8.79 -18.27
C PRO A 24 -8.78 9.02 -19.67
N THR A 25 -9.30 10.04 -20.34
CA THR A 25 -8.72 10.50 -21.59
C THR A 25 -7.43 11.27 -21.31
N LYS A 26 -6.65 11.57 -22.35
CA LYS A 26 -5.42 12.32 -22.11
C LYS A 26 -5.74 13.71 -21.57
N GLU A 27 -6.85 14.29 -21.97
CA GLU A 27 -7.26 15.59 -21.43
C GLU A 27 -7.60 15.49 -19.94
N GLU A 28 -8.33 14.44 -19.58
CA GLU A 28 -8.70 14.21 -18.18
C GLU A 28 -7.52 13.85 -17.28
N PHE A 29 -6.40 13.48 -17.90
CA PHE A 29 -5.22 13.01 -17.17
C PHE A 29 -4.28 14.17 -16.80
N ASN A 30 -4.67 15.39 -17.16
CA ASN A 30 -3.81 16.55 -16.90
C ASN A 30 -3.83 16.99 -15.43
N ASP A 31 -5.03 17.07 -14.87
CA ASP A 31 -5.24 17.64 -13.54
C ASP A 31 -5.52 16.52 -12.52
N PHE A 32 -4.49 16.15 -11.76
CA PHE A 32 -4.56 15.02 -10.86
C PHE A 32 -5.65 15.20 -9.80
N ASP A 33 -5.61 16.31 -9.08
N ASP A 33 -5.63 16.33 -9.11
CA ASP A 33 -6.58 16.58 -8.02
CA ASP A 33 -6.58 16.55 -8.02
C ASP A 33 -8.01 16.52 -8.54
C ASP A 33 -8.03 16.59 -8.50
N LYS A 34 -8.24 17.13 -9.70
CA LYS A 34 -9.56 17.17 -10.30
C LYS A 34 -10.08 15.76 -10.59
N TYR A 35 -9.21 14.88 -11.05
CA TYR A 35 -9.67 13.54 -11.39
C TYR A 35 -9.94 12.70 -10.13
N ILE A 36 -9.14 12.87 -9.08
CA ILE A 36 -9.46 12.20 -7.81
C ILE A 36 -10.85 12.63 -7.34
N ALA A 37 -11.11 13.94 -7.38
CA ALA A 37 -12.42 14.45 -6.99
C ALA A 37 -13.54 13.87 -7.87
N TYR A 38 -13.27 13.74 -9.17
CA TYR A 38 -14.25 13.14 -10.06
C TYR A 38 -14.55 11.68 -9.67
N MET A 39 -13.51 10.90 -9.40
N MET A 39 -13.52 10.90 -9.41
CA MET A 39 -13.69 9.52 -9.01
CA MET A 39 -13.72 9.50 -9.01
C MET A 39 -14.57 9.41 -7.76
C MET A 39 -14.60 9.43 -7.77
N GLU A 40 -14.34 10.31 -6.80
CA GLU A 40 -15.13 10.32 -5.58
C GLU A 40 -16.57 10.75 -5.84
N SER A 41 -16.80 11.64 -6.80
CA SER A 41 -18.16 12.02 -7.16
C SER A 41 -18.96 10.83 -7.68
N GLN A 42 -18.26 9.82 -8.19
CA GLN A 42 -18.90 8.60 -8.70
C GLN A 42 -18.93 7.48 -7.65
N GLY A 43 -18.47 7.81 -6.44
CA GLY A 43 -18.49 6.87 -5.33
C GLY A 43 -17.31 5.93 -5.22
N ALA A 44 -16.23 6.20 -5.94
CA ALA A 44 -15.09 5.28 -5.96
C ALA A 44 -14.52 5.01 -4.56
N HIS A 45 -14.47 6.05 -3.73
CA HIS A 45 -13.86 5.92 -2.41
C HIS A 45 -14.58 4.92 -1.51
N ARG A 46 -15.87 4.66 -1.79
CA ARG A 46 -16.60 3.75 -0.90
C ARG A 46 -16.00 2.35 -0.89
N ALA A 47 -15.33 1.95 -1.96
CA ALA A 47 -14.67 0.64 -2.00
C ALA A 47 -13.38 0.59 -1.17
N GLY A 48 -12.72 1.73 -1.01
CA GLY A 48 -11.40 1.78 -0.39
C GLY A 48 -10.25 1.74 -1.39
N LEU A 49 -10.53 1.37 -2.64
CA LEU A 49 -9.53 1.13 -3.67
C LEU A 49 -10.17 1.37 -5.04
N ALA A 50 -9.44 2.01 -5.96
CA ALA A 50 -9.86 2.16 -7.35
C ALA A 50 -8.69 1.85 -8.27
N LYS A 51 -9.00 1.37 -9.48
CA LYS A 51 -7.99 1.18 -10.52
C LYS A 51 -8.13 2.28 -11.56
N ILE A 52 -6.98 2.82 -12.01
CA ILE A 52 -6.98 3.80 -13.09
C ILE A 52 -6.07 3.33 -14.22
N ILE A 53 -6.65 3.18 -15.40
CA ILE A 53 -5.88 2.77 -16.57
C ILE A 53 -5.52 4.04 -17.36
N PRO A 54 -4.22 4.33 -17.51
CA PRO A 54 -3.82 5.56 -18.20
C PRO A 54 -4.22 5.58 -19.66
N PRO A 55 -4.39 6.77 -20.24
CA PRO A 55 -4.69 6.82 -21.68
C PRO A 55 -3.58 6.20 -22.52
N LYS A 56 -3.94 5.71 -23.70
CA LYS A 56 -3.00 4.97 -24.53
C LYS A 56 -1.80 5.82 -24.95
N GLU A 57 -1.95 7.15 -24.91
CA GLU A 57 -0.90 8.05 -25.35
C GLU A 57 0.17 8.29 -24.27
N TRP A 58 -0.07 7.77 -23.06
CA TRP A 58 0.76 8.07 -21.91
C TRP A 58 1.81 6.99 -21.65
N LYS A 59 2.96 7.41 -21.13
CA LYS A 59 3.98 6.46 -20.66
C LYS A 59 4.73 7.02 -19.44
N ALA A 60 5.13 6.12 -18.54
CA ALA A 60 5.86 6.54 -17.34
C ALA A 60 7.30 6.95 -17.67
N ARG A 61 7.93 6.18 -18.56
CA ARG A 61 9.30 6.42 -19.02
C ARG A 61 9.48 5.65 -20.32
N GLU A 62 10.61 5.85 -20.99
CA GLU A 62 10.82 5.24 -22.29
C GLU A 62 11.02 3.72 -22.23
N THR A 63 11.96 3.26 -21.42
CA THR A 63 12.18 1.83 -21.25
C THR A 63 12.63 1.50 -19.83
N TYR A 64 12.58 0.22 -19.49
CA TYR A 64 13.07 -0.24 -18.21
C TYR A 64 14.35 -1.06 -18.38
N ASP A 65 15.09 -0.75 -19.44
CA ASP A 65 16.28 -1.52 -19.80
C ASP A 65 17.49 -1.22 -18.93
N ASN A 66 17.46 -0.15 -18.15
CA ASN A 66 18.66 0.30 -17.45
C ASN A 66 18.48 0.43 -15.93
N ILE A 67 17.68 -0.44 -15.34
CA ILE A 67 17.38 -0.35 -13.91
C ILE A 67 18.13 -1.37 -13.04
N SER A 68 18.98 -2.19 -13.65
N SER A 68 18.98 -2.21 -13.64
CA SER A 68 19.57 -3.33 -12.94
CA SER A 68 19.58 -3.33 -12.93
C SER A 68 20.59 -2.94 -11.87
C SER A 68 20.58 -2.92 -11.85
N GLU A 69 21.09 -1.70 -11.94
CA GLU A 69 22.11 -1.24 -10.99
C GLU A 69 21.55 -0.55 -9.74
N ILE A 70 20.23 -0.35 -9.68
CA ILE A 70 19.60 0.12 -8.46
C ILE A 70 19.93 -0.83 -7.31
N LEU A 71 20.25 -0.29 -6.13
CA LEU A 71 20.60 -1.12 -4.99
C LEU A 71 19.40 -1.32 -4.06
N ILE A 72 19.17 -2.57 -3.67
CA ILE A 72 18.25 -2.91 -2.59
C ILE A 72 19.12 -3.11 -1.35
N ALA A 73 19.26 -2.06 -0.54
CA ALA A 73 20.21 -2.06 0.57
C ALA A 73 19.87 -3.09 1.63
N THR A 74 18.57 -3.32 1.85
CA THR A 74 18.14 -4.24 2.89
C THR A 74 16.95 -5.07 2.42
N PRO A 75 17.21 -6.09 1.59
CA PRO A 75 16.12 -7.00 1.21
C PRO A 75 15.55 -7.67 2.46
N LEU A 76 14.26 -7.96 2.45
CA LEU A 76 13.58 -8.51 3.62
C LEU A 76 13.00 -9.89 3.33
N GLN A 77 13.42 -10.89 4.11
CA GLN A 77 12.87 -12.22 3.99
C GLN A 77 11.62 -12.32 4.86
N GLN A 78 10.48 -12.67 4.26
CA GLN A 78 9.19 -12.60 4.95
C GLN A 78 8.80 -13.98 5.52
N VAL A 79 9.08 -14.18 6.81
CA VAL A 79 8.93 -15.48 7.45
C VAL A 79 7.58 -15.55 8.17
N ALA A 80 6.77 -16.56 7.82
CA ALA A 80 5.40 -16.68 8.36
C ALA A 80 5.28 -17.59 9.59
N SER A 81 4.32 -17.28 10.44
N SER A 81 4.24 -17.33 10.37
CA SER A 81 3.93 -18.13 11.58
CA SER A 81 3.96 -18.10 11.58
C SER A 81 2.42 -18.19 11.65
C SER A 81 2.44 -18.15 11.83
N GLY A 82 1.87 -19.35 11.98
CA GLY A 82 0.43 -19.48 12.16
C GLY A 82 -0.15 -20.59 11.30
N ARG A 83 -1.33 -20.35 10.74
N ARG A 83 -1.34 -20.36 10.76
CA ARG A 83 -1.93 -21.31 9.83
CA ARG A 83 -1.97 -21.31 9.85
C ARG A 83 -2.11 -20.67 8.46
C ARG A 83 -2.16 -20.67 8.48
N ALA A 84 -2.50 -21.48 7.48
CA ALA A 84 -2.50 -21.03 6.09
C ALA A 84 -3.33 -19.78 5.86
N GLY A 85 -4.47 -19.68 6.52
CA GLY A 85 -5.37 -18.54 6.33
C GLY A 85 -5.32 -17.46 7.39
N VAL A 86 -4.54 -17.66 8.45
CA VAL A 86 -4.41 -16.70 9.54
C VAL A 86 -2.98 -16.76 10.05
N PHE A 87 -2.15 -15.80 9.65
CA PHE A 87 -0.75 -15.87 10.00
C PHE A 87 -0.14 -14.47 10.15
N THR A 88 1.00 -14.41 10.83
CA THR A 88 1.78 -13.19 10.85
C THR A 88 3.08 -13.43 10.10
N GLN A 89 3.73 -12.35 9.70
CA GLN A 89 5.05 -12.48 9.08
C GLN A 89 6.02 -11.51 9.74
N TYR A 90 7.25 -11.95 9.91
CA TYR A 90 8.28 -11.01 10.36
C TYR A 90 9.32 -10.87 9.27
N HIS A 91 10.04 -9.75 9.32
CA HIS A 91 10.99 -9.42 8.27
C HIS A 91 12.41 -9.64 8.75
N LYS A 92 13.08 -10.62 8.17
CA LYS A 92 14.47 -10.89 8.46
C LYS A 92 15.36 -10.17 7.46
N LYS A 93 16.27 -9.33 7.95
CA LYS A 93 17.13 -8.57 7.06
C LYS A 93 18.16 -9.46 6.37
N LYS A 94 18.37 -9.22 5.08
CA LYS A 94 19.35 -9.94 4.28
C LYS A 94 20.41 -8.99 3.74
N LYS A 95 21.50 -9.54 3.22
CA LYS A 95 22.56 -8.72 2.62
C LYS A 95 22.09 -7.96 1.38
N ALA A 96 22.69 -6.79 1.15
CA ALA A 96 22.33 -5.95 0.01
C ALA A 96 22.49 -6.66 -1.32
N MET A 97 21.67 -6.30 -2.29
N MET A 97 21.58 -6.38 -2.26
CA MET A 97 21.82 -6.82 -3.64
CA MET A 97 21.64 -6.88 -3.64
C MET A 97 21.23 -5.85 -4.65
C MET A 97 21.29 -5.75 -4.62
N THR A 98 21.76 -5.87 -5.87
CA THR A 98 21.24 -5.01 -6.93
C THR A 98 19.92 -5.56 -7.44
N VAL A 99 19.18 -4.73 -8.16
CA VAL A 99 17.93 -5.17 -8.79
C VAL A 99 18.22 -6.30 -9.79
N GLY A 100 19.34 -6.24 -10.50
CA GLY A 100 19.71 -7.32 -11.40
C GLY A 100 19.88 -8.64 -10.69
N GLU A 101 20.56 -8.60 -9.54
CA GLU A 101 20.75 -9.81 -8.73
C GLU A 101 19.42 -10.31 -8.16
N TYR A 102 18.58 -9.37 -7.74
CA TYR A 102 17.28 -9.70 -7.18
C TYR A 102 16.37 -10.36 -8.22
N ARG A 103 16.38 -9.83 -9.44
CA ARG A 103 15.60 -10.41 -10.54
C ARG A 103 16.03 -11.85 -10.83
N HIS A 104 17.33 -12.09 -10.84
CA HIS A 104 17.85 -13.43 -11.04
C HIS A 104 17.38 -14.39 -9.92
N LEU A 105 17.41 -13.89 -8.68
CA LEU A 105 16.93 -14.66 -7.53
C LEU A 105 15.45 -14.98 -7.65
N ALA A 106 14.64 -13.98 -8.01
CA ALA A 106 13.20 -14.18 -8.19
C ALA A 106 12.87 -15.25 -9.21
N ASN A 107 13.70 -15.36 -10.24
CA ASN A 107 13.44 -16.31 -11.32
C ASN A 107 14.08 -17.68 -11.11
N SER A 108 14.78 -17.85 -10.00
CA SER A 108 15.44 -19.12 -9.70
C SER A 108 14.39 -20.19 -9.37
N LYS A 109 14.77 -21.46 -9.43
CA LYS A 109 13.82 -22.53 -9.15
C LYS A 109 13.19 -22.41 -7.75
N LYS A 110 13.97 -21.95 -6.78
CA LYS A 110 13.48 -21.86 -5.39
C LYS A 110 12.35 -20.84 -5.23
N TYR A 111 12.40 -19.76 -6.00
CA TYR A 111 11.52 -18.61 -5.77
C TYR A 111 10.54 -18.32 -6.93
N GLN A 112 10.71 -18.95 -8.08
CA GLN A 112 9.92 -18.57 -9.26
C GLN A 112 8.44 -18.96 -9.14
N THR A 113 7.59 -18.19 -9.82
CA THR A 113 6.16 -18.48 -9.91
C THR A 113 5.92 -19.90 -10.45
N PRO A 114 5.03 -20.68 -9.81
CA PRO A 114 4.70 -22.01 -10.33
C PRO A 114 3.82 -21.95 -11.58
N PRO A 115 3.77 -23.04 -12.34
CA PRO A 115 2.79 -23.11 -13.43
C PRO A 115 1.38 -22.89 -12.90
N HIS A 116 0.54 -22.17 -13.64
CA HIS A 116 -0.83 -21.88 -13.21
C HIS A 116 -1.72 -21.54 -14.39
N GLN A 117 -3.01 -21.80 -14.24
CA GLN A 117 -3.96 -21.67 -15.35
C GLN A 117 -4.42 -20.24 -15.60
N ASN A 118 -4.59 -19.48 -14.51
CA ASN A 118 -5.12 -18.13 -14.56
C ASN A 118 -4.88 -17.46 -13.20
N PHE A 119 -5.33 -16.23 -13.03
CA PHE A 119 -5.11 -15.51 -11.77
C PHE A 119 -5.80 -16.20 -10.59
N GLU A 120 -6.99 -16.77 -10.83
CA GLU A 120 -7.73 -17.44 -9.75
C GLU A 120 -6.99 -18.69 -9.24
N ASP A 121 -6.42 -19.44 -10.18
CA ASP A 121 -5.62 -20.60 -9.86
C ASP A 121 -4.40 -20.19 -9.01
N LEU A 122 -3.74 -19.12 -9.42
CA LEU A 122 -2.55 -18.68 -8.68
C LEU A 122 -2.94 -18.19 -7.28
N GLU A 123 -4.10 -17.53 -7.17
CA GLU A 123 -4.59 -17.07 -5.87
C GLU A 123 -4.82 -18.24 -4.92
N ARG A 124 -5.41 -19.31 -5.44
N ARG A 124 -5.42 -19.32 -5.43
CA ARG A 124 -5.62 -20.55 -4.69
CA ARG A 124 -5.61 -20.53 -4.66
C ARG A 124 -4.29 -21.11 -4.17
C ARG A 124 -4.27 -21.08 -4.15
N LYS A 125 -3.30 -21.16 -5.05
CA LYS A 125 -1.97 -21.65 -4.69
C LYS A 125 -1.31 -20.76 -3.62
N TYR A 126 -1.46 -19.45 -3.76
CA TYR A 126 -0.91 -18.52 -2.78
C TYR A 126 -1.45 -18.83 -1.38
N TRP A 127 -2.78 -18.86 -1.22
CA TRP A 127 -3.32 -19.03 0.12
C TRP A 127 -3.11 -20.44 0.67
N LYS A 128 -2.98 -21.41 -0.21
CA LYS A 128 -2.70 -22.77 0.23
C LYS A 128 -1.27 -22.94 0.75
N ASN A 129 -0.32 -22.28 0.09
CA ASN A 129 1.10 -22.60 0.27
C ASN A 129 2.00 -21.47 0.80
N ARG A 130 1.48 -20.26 0.91
CA ARG A 130 2.32 -19.11 1.29
C ARG A 130 3.15 -19.37 2.55
N ILE A 131 2.55 -19.93 3.60
CA ILE A 131 3.26 -19.97 4.87
C ILE A 131 4.47 -20.90 4.85
N TYR A 132 4.51 -21.81 3.87
CA TYR A 132 5.58 -22.81 3.82
C TYR A 132 6.83 -22.32 3.08
N ASN A 133 6.80 -21.07 2.65
CA ASN A 133 7.95 -20.45 1.98
C ASN A 133 8.25 -19.09 2.60
N SER A 134 9.46 -18.60 2.36
CA SER A 134 9.84 -17.28 2.87
C SER A 134 10.44 -16.42 1.76
N PRO A 135 9.58 -15.76 0.98
CA PRO A 135 10.07 -14.96 -0.15
C PRO A 135 10.82 -13.71 0.33
N ILE A 136 11.59 -13.11 -0.57
CA ILE A 136 12.40 -11.94 -0.22
C ILE A 136 11.88 -10.75 -1.01
N TYR A 137 11.60 -9.67 -0.27
N TYR A 137 11.71 -9.60 -0.38
CA TYR A 137 10.95 -8.45 -0.77
CA TYR A 137 11.34 -8.46 -1.20
C TYR A 137 11.93 -7.28 -0.70
C TYR A 137 12.04 -7.15 -0.86
N GLY A 138 11.94 -6.45 -1.74
N GLY A 138 12.36 -6.41 -1.91
CA GLY A 138 12.72 -5.23 -1.75
CA GLY A 138 12.83 -5.05 -1.77
C GLY A 138 11.84 -4.01 -1.56
C GLY A 138 11.65 -4.16 -1.53
N ALA A 139 11.51 -3.66 -0.31
CA ALA A 139 10.46 -2.69 0.00
C ALA A 139 10.96 -1.34 0.49
N ASP A 140 10.14 -0.32 0.30
CA ASP A 140 10.38 1.00 0.88
C ASP A 140 11.74 1.57 0.50
N ILE A 141 12.08 1.50 -0.78
CA ILE A 141 13.32 2.06 -1.30
C ILE A 141 13.05 3.46 -1.82
N SER A 142 13.58 4.48 -1.15
N SER A 142 13.61 4.47 -1.16
CA SER A 142 13.34 5.85 -1.60
CA SER A 142 13.42 5.85 -1.59
C SER A 142 13.86 6.04 -3.03
C SER A 142 13.89 6.07 -3.04
N GLY A 143 13.00 6.53 -3.92
CA GLY A 143 13.37 6.73 -5.31
C GLY A 143 12.18 6.78 -6.25
N SER A 144 12.45 7.03 -7.53
CA SER A 144 11.40 7.09 -8.55
C SER A 144 11.90 6.57 -9.88
N LEU A 145 11.01 5.94 -10.66
CA LEU A 145 11.32 5.51 -12.02
C LEU A 145 10.52 6.29 -13.07
N PHE A 146 9.81 7.34 -12.64
CA PHE A 146 9.18 8.23 -13.62
C PHE A 146 10.20 9.13 -14.29
N ASP A 147 10.10 9.26 -15.61
CA ASP A 147 10.92 10.22 -16.34
C ASP A 147 10.57 11.64 -15.90
N GLU A 148 11.57 12.49 -15.75
CA GLU A 148 11.30 13.86 -15.30
C GLU A 148 10.42 14.61 -16.31
N ASN A 149 10.41 14.16 -17.56
CA ASN A 149 9.61 14.81 -18.59
C ASN A 149 8.16 14.29 -18.65
N THR A 150 7.84 13.28 -17.86
CA THR A 150 6.47 12.82 -17.73
C THR A 150 5.70 13.78 -16.85
N LYS A 151 4.77 14.54 -17.44
CA LYS A 151 4.10 15.61 -16.70
C LYS A 151 2.77 15.21 -16.06
N GLN A 152 2.19 14.10 -16.53
CA GLN A 152 0.90 13.64 -16.02
C GLN A 152 1.09 12.45 -15.08
N TRP A 153 0.48 12.51 -13.89
CA TRP A 153 0.48 11.40 -12.94
C TRP A 153 1.89 10.88 -12.64
N ASN A 154 2.82 11.83 -12.52
CA ASN A 154 4.19 11.56 -12.10
C ASN A 154 4.23 11.56 -10.58
N LEU A 155 4.45 10.40 -9.96
CA LEU A 155 4.33 10.27 -8.50
C LEU A 155 5.40 11.03 -7.73
N GLY A 156 6.44 11.54 -8.41
CA GLY A 156 7.42 12.40 -7.77
C GLY A 156 7.10 13.88 -7.90
N HIS A 157 6.00 14.20 -8.58
CA HIS A 157 5.63 15.60 -8.81
C HIS A 157 4.25 15.97 -8.26
N LEU A 158 3.73 15.19 -7.31
CA LEU A 158 2.43 15.51 -6.73
C LEU A 158 2.53 16.61 -5.69
N GLY A 159 1.44 17.32 -5.46
CA GLY A 159 1.36 18.26 -4.35
C GLY A 159 1.61 17.55 -3.03
N THR A 160 2.37 18.17 -2.13
CA THR A 160 2.78 17.50 -0.90
C THR A 160 1.69 17.55 0.17
N ILE A 161 1.74 16.59 1.08
N ILE A 161 1.74 16.62 1.11
CA ILE A 161 0.78 16.57 2.18
CA ILE A 161 0.75 16.59 2.18
C ILE A 161 0.95 17.82 3.05
C ILE A 161 1.00 17.66 3.23
N GLN A 162 2.20 18.24 3.24
CA GLN A 162 2.47 19.40 4.07
C GLN A 162 1.83 20.65 3.47
N ASP A 163 1.87 20.77 2.15
CA ASP A 163 1.23 21.92 1.50
C ASP A 163 -0.29 21.81 1.58
N LEU A 164 -0.83 20.59 1.50
CA LEU A 164 -2.27 20.41 1.66
C LEU A 164 -2.74 20.86 3.04
N LEU A 165 -2.04 20.42 4.08
N LEU A 165 -2.03 20.42 4.09
CA LEU A 165 -2.38 20.80 5.45
CA LEU A 165 -2.39 20.79 5.45
C LEU A 165 -2.30 22.31 5.63
C LEU A 165 -2.31 22.30 5.62
N GLU A 166 -1.28 22.92 5.05
CA GLU A 166 -1.14 24.37 5.13
C GLU A 166 -2.30 25.08 4.43
N LYS A 167 -2.66 24.61 3.23
CA LYS A 167 -3.76 25.22 2.48
C LYS A 167 -5.10 25.10 3.22
N GLU A 168 -5.32 23.95 3.87
CA GLU A 168 -6.62 23.70 4.51
C GLU A 168 -6.76 24.32 5.89
N CYS A 169 -5.66 24.31 6.65
N CYS A 169 -5.70 24.31 6.70
CA CYS A 169 -5.71 24.65 8.05
CA CYS A 169 -5.86 24.79 8.07
C CYS A 169 -4.87 25.87 8.43
C CYS A 169 -4.95 25.97 8.40
N GLY A 170 -4.11 26.39 7.46
CA GLY A 170 -3.36 27.62 7.63
C GLY A 170 -2.03 27.55 8.34
N VAL A 171 -1.60 26.35 8.75
CA VAL A 171 -0.34 26.24 9.48
C VAL A 171 0.76 25.62 8.61
N VAL A 172 1.94 26.24 8.65
CA VAL A 172 3.11 25.72 7.96
C VAL A 172 3.80 24.71 8.86
N ILE A 173 4.17 23.57 8.28
CA ILE A 173 4.86 22.53 9.03
C ILE A 173 6.09 22.02 8.29
N GLU A 174 7.04 21.49 9.05
CA GLU A 174 8.21 20.82 8.49
C GLU A 174 7.80 19.50 7.85
N GLY A 175 8.70 18.93 7.06
CA GLY A 175 8.51 17.60 6.51
C GLY A 175 8.44 17.61 5.00
N VAL A 176 8.81 16.47 4.44
CA VAL A 176 8.77 16.25 3.01
CA VAL A 176 8.68 16.28 2.99
C VAL A 176 8.07 14.91 2.74
N ASN A 177 7.79 14.66 1.46
N ASN A 177 7.56 14.69 1.54
CA ASN A 177 6.87 13.63 1.00
CA ASN A 177 7.10 13.37 1.21
C ASN A 177 7.37 13.06 -0.35
C ASN A 177 7.48 13.07 -0.22
N THR A 178 8.15 11.96 -0.35
CA THR A 178 8.72 11.47 -1.60
C THR A 178 8.34 10.00 -1.88
N PRO A 179 8.45 9.56 -3.15
CA PRO A 179 8.01 8.21 -3.49
C PRO A 179 8.96 7.09 -3.06
N TYR A 180 8.42 5.88 -3.02
CA TYR A 180 9.16 4.67 -2.71
C TYR A 180 8.98 3.61 -3.80
N LEU A 181 10.02 2.82 -3.99
CA LEU A 181 10.00 1.68 -4.90
C LEU A 181 9.88 0.37 -4.13
N TYR A 182 9.21 -0.59 -4.76
CA TYR A 182 8.99 -1.94 -4.23
C TYR A 182 9.36 -2.95 -5.31
N PHE A 183 10.37 -3.78 -5.05
CA PHE A 183 10.70 -4.88 -5.95
C PHE A 183 10.22 -6.18 -5.35
N GLY A 184 9.33 -6.89 -6.04
CA GLY A 184 8.68 -8.07 -5.49
C GLY A 184 9.01 -9.33 -6.25
N MET A 185 8.64 -10.46 -5.65
CA MET A 185 8.72 -11.77 -6.29
C MET A 185 7.49 -12.58 -5.89
N TRP A 186 7.34 -13.77 -6.46
CA TRP A 186 6.23 -14.64 -6.10
C TRP A 186 6.09 -14.79 -4.59
N LYS A 187 4.86 -14.63 -4.11
CA LYS A 187 4.45 -14.80 -2.70
C LYS A 187 4.85 -13.64 -1.79
N THR A 188 5.61 -12.66 -2.28
CA THR A 188 5.88 -11.48 -1.51
CA THR A 188 5.88 -11.51 -1.42
C THR A 188 4.54 -10.84 -1.10
N THR A 189 4.42 -10.40 0.15
CA THR A 189 3.13 -10.12 0.77
C THR A 189 3.08 -8.76 1.45
N PHE A 190 1.99 -8.01 1.24
CA PHE A 190 1.76 -6.85 2.09
C PHE A 190 0.56 -7.14 3.01
N ALA A 191 0.81 -6.99 4.31
CA ALA A 191 -0.13 -7.31 5.37
C ALA A 191 -1.30 -6.33 5.42
N TRP A 192 -2.38 -6.70 6.13
CA TRP A 192 -3.53 -5.81 6.31
C TRP A 192 -3.16 -4.51 7.00
N HIS A 193 -3.49 -3.38 6.37
CA HIS A 193 -3.16 -2.08 6.97
C HIS A 193 -3.96 -0.96 6.31
N THR A 194 -4.08 0.17 7.01
CA THR A 194 -4.38 1.43 6.36
C THR A 194 -3.07 2.25 6.30
N GLU A 195 -3.08 3.35 5.57
CA GLU A 195 -1.87 4.18 5.46
C GLU A 195 -1.62 4.96 6.75
N ASP A 196 -0.38 5.44 6.91
CA ASP A 196 -0.05 6.34 8.02
C ASP A 196 -1.07 7.46 8.06
N MET A 197 -1.60 7.75 9.25
CA MET A 197 -2.54 8.85 9.43
C MET A 197 -3.80 8.70 8.57
N ASP A 198 -4.07 7.47 8.12
CA ASP A 198 -5.18 7.15 7.21
C ASP A 198 -5.18 8.04 5.95
N LEU A 199 -3.98 8.30 5.45
CA LEU A 199 -3.81 9.01 4.17
C LEU A 199 -4.30 8.21 2.96
N TYR A 200 -4.41 8.87 1.81
CA TYR A 200 -4.53 8.16 0.54
C TYR A 200 -3.17 7.57 0.17
N SER A 201 -3.17 6.58 -0.71
N SER A 201 -3.17 6.61 -0.73
CA SER A 201 -1.93 6.23 -1.41
CA SER A 201 -1.94 6.20 -1.40
C SER A 201 -2.23 6.06 -2.90
C SER A 201 -2.19 5.90 -2.87
N ILE A 202 -1.19 6.18 -3.70
CA ILE A 202 -1.27 5.83 -5.10
C ILE A 202 -0.07 4.94 -5.44
N ASN A 203 -0.33 3.89 -6.22
N ASN A 203 -0.33 3.92 -6.26
CA ASN A 203 0.62 2.84 -6.53
CA ASN A 203 0.61 2.84 -6.53
C ASN A 203 0.63 2.62 -8.04
C ASN A 203 0.65 2.49 -8.03
N TYR A 204 1.80 2.68 -8.65
CA TYR A 204 1.94 2.41 -10.09
C TYR A 204 2.79 1.15 -10.28
N LEU A 205 2.27 0.18 -11.03
CA LEU A 205 3.02 -1.04 -11.30
C LEU A 205 3.84 -0.81 -12.58
N HIS A 206 5.12 -0.51 -12.42
CA HIS A 206 5.99 -0.15 -13.54
C HIS A 206 6.26 -1.29 -14.52
N LEU A 207 6.48 -2.49 -13.97
N LEU A 207 6.50 -2.47 -13.98
CA LEU A 207 7.13 -3.55 -14.74
CA LEU A 207 6.93 -3.58 -14.83
C LEU A 207 6.90 -4.93 -14.11
C LEU A 207 6.69 -4.90 -14.13
N GLY A 208 6.69 -5.95 -14.94
CA GLY A 208 6.67 -7.30 -14.44
C GLY A 208 5.32 -7.93 -14.19
N GLU A 209 5.29 -8.89 -13.26
CA GLU A 209 4.12 -9.71 -13.02
C GLU A 209 3.10 -8.98 -12.13
N PRO A 210 1.85 -9.48 -12.11
CA PRO A 210 0.80 -8.73 -11.42
C PRO A 210 0.89 -8.68 -9.89
N LYS A 211 0.03 -7.85 -9.32
N LYS A 211 -0.02 -7.90 -9.32
CA LYS A 211 -0.13 -7.69 -7.88
CA LYS A 211 -0.13 -7.70 -7.88
C LYS A 211 -1.62 -7.84 -7.58
C LYS A 211 -1.60 -7.75 -7.47
N THR A 212 -2.00 -8.78 -6.72
CA THR A 212 -3.40 -8.94 -6.32
C THR A 212 -3.66 -8.22 -5.00
N TRP A 213 -4.77 -7.48 -4.97
CA TRP A 213 -5.18 -6.64 -3.83
C TRP A 213 -6.49 -7.14 -3.22
N TYR A 214 -6.58 -7.03 -1.89
CA TYR A 214 -7.81 -7.20 -1.14
C TYR A 214 -8.09 -5.89 -0.40
N VAL A 215 -9.35 -5.50 -0.27
CA VAL A 215 -9.68 -4.22 0.38
C VAL A 215 -11.02 -4.28 1.11
N VAL A 216 -11.08 -3.66 2.29
CA VAL A 216 -12.32 -3.51 3.05
C VAL A 216 -12.83 -2.07 2.90
N PRO A 217 -14.12 -1.88 2.59
CA PRO A 217 -14.66 -0.52 2.49
C PRO A 217 -14.39 0.29 3.77
N PRO A 218 -14.00 1.57 3.63
CA PRO A 218 -13.74 2.38 4.82
C PRO A 218 -14.89 2.38 5.83
N GLU A 219 -16.14 2.36 5.35
CA GLU A 219 -17.26 2.39 6.29
C GLU A 219 -17.36 1.11 7.14
N HIS A 220 -16.61 0.08 6.75
CA HIS A 220 -16.62 -1.20 7.49
C HIS A 220 -15.27 -1.59 8.11
N GLY A 221 -14.34 -0.65 8.16
CA GLY A 221 -13.01 -0.93 8.68
C GLY A 221 -13.00 -1.50 10.08
N GLN A 222 -13.91 -0.99 10.91
N GLN A 222 -13.91 -1.03 10.92
CA GLN A 222 -13.98 -1.44 12.29
CA GLN A 222 -13.92 -1.49 12.31
C GLN A 222 -14.30 -2.93 12.40
C GLN A 222 -14.40 -2.93 12.46
N ARG A 223 -15.04 -3.46 11.41
CA ARG A 223 -15.37 -4.88 11.41
C ARG A 223 -14.10 -5.72 11.22
N LEU A 224 -13.21 -5.26 10.35
CA LEU A 224 -11.94 -5.96 10.17
C LEU A 224 -11.11 -5.89 11.45
N GLU A 225 -11.08 -4.71 12.08
CA GLU A 225 -10.33 -4.54 13.33
C GLU A 225 -10.81 -5.50 14.41
N ARG A 226 -12.13 -5.65 14.54
CA ARG A 226 -12.68 -6.55 15.56
C ARG A 226 -12.30 -7.99 15.28
N LEU A 227 -12.36 -8.42 14.03
CA LEU A 227 -11.94 -9.78 13.71
C LEU A 227 -10.46 -9.98 13.98
N ALA A 228 -9.65 -8.99 13.62
CA ALA A 228 -8.21 -9.09 13.85
C ALA A 228 -7.91 -9.25 15.35
N ARG A 229 -8.64 -8.55 16.20
N ARG A 229 -8.63 -8.53 16.20
CA ARG A 229 -8.40 -8.67 17.65
CA ARG A 229 -8.43 -8.66 17.63
C ARG A 229 -8.77 -10.06 18.17
C ARG A 229 -8.71 -10.09 18.10
N GLU A 230 -9.77 -10.69 17.54
CA GLU A 230 -10.14 -12.05 17.89
C GLU A 230 -9.11 -13.08 17.40
N LEU A 231 -8.57 -12.85 16.20
CA LEU A 231 -7.67 -13.82 15.56
C LEU A 231 -6.21 -13.72 16.02
N PHE A 232 -5.83 -12.55 16.53
CA PHE A 232 -4.46 -12.33 17.00
C PHE A 232 -4.53 -11.78 18.43
N PRO A 233 -4.96 -12.62 19.39
CA PRO A 233 -5.30 -12.07 20.71
C PRO A 233 -4.11 -11.54 21.50
N GLY A 234 -2.95 -12.20 21.44
CA GLY A 234 -1.77 -11.69 22.10
C GLY A 234 -1.33 -10.34 21.54
N SER A 235 -1.35 -10.22 20.21
CA SER A 235 -0.96 -8.98 19.57
C SER A 235 -1.87 -7.83 19.99
N SER A 236 -3.16 -8.12 20.07
CA SER A 236 -4.14 -7.11 20.44
C SER A 236 -3.91 -6.61 21.88
N ARG A 237 -3.55 -7.51 22.78
CA ARG A 237 -3.27 -7.13 24.15
C ARG A 237 -2.03 -6.24 24.23
N GLY A 238 -1.08 -6.45 23.32
CA GLY A 238 0.15 -5.67 23.32
C GLY A 238 0.01 -4.26 22.77
N CYS A 239 -0.97 -4.05 21.90
CA CYS A 239 -1.13 -2.75 21.26
C CYS A 239 -2.56 -2.57 20.73
N GLY A 240 -3.17 -1.46 21.10
CA GLY A 240 -4.53 -1.15 20.69
C GLY A 240 -4.71 -0.84 19.21
N ALA A 241 -3.60 -0.69 18.50
CA ALA A 241 -3.62 -0.45 17.06
C ALA A 241 -2.59 -1.34 16.36
N PHE A 242 -2.58 -2.64 16.68
CA PHE A 242 -1.47 -3.48 16.23
C PHE A 242 -1.46 -3.71 14.72
N LEU A 243 -2.57 -3.45 14.01
CA LEU A 243 -2.51 -3.58 12.55
C LEU A 243 -1.54 -2.56 11.95
N ARG A 244 -1.23 -1.48 12.70
CA ARG A 244 -0.21 -0.52 12.31
C ARG A 244 1.18 -1.15 12.18
N HIS A 245 1.37 -2.32 12.78
CA HIS A 245 2.65 -3.02 12.71
C HIS A 245 2.86 -3.67 11.34
N LYS A 246 1.77 -3.82 10.58
CA LYS A 246 1.83 -4.35 9.22
C LYS A 246 2.45 -5.75 9.18
N VAL A 247 1.91 -6.66 9.99
CA VAL A 247 2.41 -8.03 10.02
C VAL A 247 1.33 -9.11 9.95
N ALA A 248 0.04 -8.72 9.97
CA ALA A 248 -1.04 -9.73 10.07
C ALA A 248 -1.74 -10.00 8.74
N LEU A 249 -1.92 -11.29 8.44
CA LEU A 249 -2.64 -11.71 7.24
C LEU A 249 -3.86 -12.56 7.59
N ILE A 250 -4.95 -12.29 6.88
CA ILE A 250 -6.20 -13.04 6.99
C ILE A 250 -6.67 -13.32 5.57
N SER A 251 -6.94 -14.59 5.24
CA SER A 251 -7.32 -14.97 3.87
C SER A 251 -8.74 -14.55 3.49
N PRO A 252 -9.04 -14.50 2.17
CA PRO A 252 -10.42 -14.18 1.78
C PRO A 252 -11.42 -15.24 2.29
N THR A 253 -11.00 -16.49 2.38
CA THR A 253 -11.89 -17.54 2.89
C THR A 253 -12.27 -17.26 4.35
N VAL A 254 -11.30 -16.87 5.16
CA VAL A 254 -11.57 -16.56 6.56
C VAL A 254 -12.42 -15.28 6.69
N LEU A 255 -12.15 -14.27 5.86
CA LEU A 255 -12.99 -13.07 5.86
C LEU A 255 -14.45 -13.42 5.55
N LYS A 256 -14.65 -14.24 4.52
CA LYS A 256 -16.00 -14.67 4.14
C LYS A 256 -16.69 -15.44 5.26
N GLU A 257 -15.95 -16.35 5.90
CA GLU A 257 -16.49 -17.14 7.01
C GLU A 257 -16.99 -16.27 8.15
N ASN A 258 -16.35 -15.11 8.32
CA ASN A 258 -16.67 -14.19 9.41
C ASN A 258 -17.52 -13.00 8.98
N GLY A 259 -18.03 -13.05 7.75
CA GLY A 259 -18.93 -12.02 7.26
C GLY A 259 -18.34 -10.64 7.07
N ILE A 260 -17.02 -10.56 6.88
CA ILE A 260 -16.38 -9.26 6.66
C ILE A 260 -16.54 -8.80 5.22
N PRO A 261 -17.12 -7.61 5.00
CA PRO A 261 -17.22 -7.11 3.62
C PRO A 261 -15.85 -6.79 3.03
N PHE A 262 -15.57 -7.30 1.84
CA PHE A 262 -14.30 -6.99 1.16
C PHE A 262 -14.44 -7.20 -0.34
N ASN A 263 -13.47 -6.71 -1.09
CA ASN A 263 -13.38 -6.96 -2.52
C ASN A 263 -11.95 -7.28 -2.90
N ARG A 264 -11.76 -7.80 -4.11
CA ARG A 264 -10.43 -8.13 -4.59
C ARG A 264 -10.29 -7.71 -6.06
N ILE A 265 -9.05 -7.46 -6.47
CA ILE A 265 -8.77 -7.11 -7.86
C ILE A 265 -7.29 -7.35 -8.13
N THR A 266 -6.95 -7.67 -9.37
CA THR A 266 -5.55 -7.83 -9.74
C THR A 266 -5.08 -6.67 -10.61
N GLN A 267 -3.97 -6.05 -10.20
CA GLN A 267 -3.32 -4.94 -10.89
C GLN A 267 -2.26 -5.48 -11.82
N GLU A 268 -2.22 -5.01 -13.07
CA GLU A 268 -1.20 -5.43 -14.02
C GLU A 268 -0.28 -4.27 -14.37
N ALA A 269 0.87 -4.59 -14.96
CA ALA A 269 1.86 -3.56 -15.30
C ALA A 269 1.23 -2.47 -16.17
N GLY A 270 1.56 -1.23 -15.85
CA GLY A 270 1.00 -0.09 -16.57
C GLY A 270 -0.26 0.50 -15.96
N GLU A 271 -0.70 -0.03 -14.81
CA GLU A 271 -1.93 0.41 -14.16
C GLU A 271 -1.65 1.07 -12.81
N PHE A 272 -2.44 2.09 -12.48
CA PHE A 272 -2.43 2.75 -11.16
C PHE A 272 -3.52 2.17 -10.25
N MET A 273 -3.21 2.06 -8.96
CA MET A 273 -4.22 1.82 -7.94
C MET A 273 -4.19 2.98 -6.94
N VAL A 274 -5.35 3.47 -6.55
CA VAL A 274 -5.45 4.47 -5.49
C VAL A 274 -6.16 3.85 -4.28
N THR A 275 -5.55 3.95 -3.10
CA THR A 275 -6.28 3.59 -1.87
C THR A 275 -6.77 4.87 -1.20
N PHE A 276 -7.95 4.76 -0.59
CA PHE A 276 -8.63 5.91 -0.01
C PHE A 276 -8.52 5.87 1.50
N PRO A 277 -8.71 7.04 2.15
CA PRO A 277 -8.54 7.12 3.62
C PRO A 277 -9.31 6.02 4.36
N TYR A 278 -8.60 5.31 5.23
CA TYR A 278 -9.14 4.27 6.11
C TYR A 278 -9.66 3.06 5.32
N GLY A 279 -9.14 2.86 4.10
CA GLY A 279 -9.39 1.64 3.36
C GLY A 279 -8.33 0.59 3.67
N TYR A 280 -8.67 -0.39 4.50
CA TYR A 280 -7.74 -1.48 4.81
C TYR A 280 -7.44 -2.29 3.55
N HIS A 281 -6.18 -2.61 3.33
CA HIS A 281 -5.81 -3.42 2.18
C HIS A 281 -4.64 -4.35 2.49
N ALA A 282 -4.52 -5.41 1.69
CA ALA A 282 -3.50 -6.45 1.79
C ALA A 282 -3.34 -7.04 0.40
N GLY A 283 -2.28 -7.82 0.18
CA GLY A 283 -2.15 -8.45 -1.13
C GLY A 283 -0.83 -9.16 -1.33
N PHE A 284 -0.59 -9.59 -2.57
CA PHE A 284 0.61 -10.34 -2.87
C PHE A 284 1.03 -10.17 -4.31
N ASN A 285 2.32 -10.40 -4.57
CA ASN A 285 2.88 -10.34 -5.92
C ASN A 285 2.91 -11.69 -6.60
N HIS A 286 2.67 -11.69 -7.91
CA HIS A 286 2.61 -12.92 -8.70
C HIS A 286 3.98 -13.44 -9.13
N GLY A 287 4.99 -12.58 -9.12
CA GLY A 287 6.30 -12.89 -9.67
C GLY A 287 7.14 -11.63 -9.64
N PHE A 288 8.30 -11.63 -10.30
CA PHE A 288 9.15 -10.45 -10.27
C PHE A 288 8.41 -9.22 -10.80
N ASN A 289 8.44 -8.14 -10.02
CA ASN A 289 7.86 -6.88 -10.47
C ASN A 289 8.46 -5.69 -9.73
N CYS A 290 8.08 -4.50 -10.19
CA CYS A 290 8.50 -3.27 -9.59
C CYS A 290 7.34 -2.30 -9.57
N ALA A 291 7.04 -1.77 -8.38
CA ALA A 291 5.98 -0.79 -8.20
C ALA A 291 6.55 0.46 -7.54
N GLU A 292 5.87 1.58 -7.73
CA GLU A 292 6.24 2.84 -7.08
C GLU A 292 5.00 3.37 -6.37
N ALA A 293 5.15 3.89 -5.16
CA ALA A 293 4.00 4.36 -4.40
C ALA A 293 4.35 5.61 -3.59
N ILE A 294 3.33 6.40 -3.28
CA ILE A 294 3.48 7.56 -2.41
C ILE A 294 2.12 7.84 -1.74
N ASN A 295 2.17 8.41 -0.54
CA ASN A 295 0.97 8.91 0.12
C ASN A 295 0.61 10.30 -0.37
N PHE A 296 -0.67 10.63 -0.35
CA PHE A 296 -1.10 11.99 -0.65
C PHE A 296 -2.38 12.31 0.12
N ALA A 297 -2.74 13.58 0.12
CA ALA A 297 -3.92 14.08 0.83
C ALA A 297 -4.78 14.94 -0.08
N THR A 298 -6.04 15.06 0.30
CA THR A 298 -7.01 15.98 -0.30
C THR A 298 -7.75 16.66 0.85
N PRO A 299 -8.57 17.68 0.56
CA PRO A 299 -9.34 18.27 1.67
C PRO A 299 -10.19 17.24 2.43
N ARG A 300 -10.73 16.24 1.74
CA ARG A 300 -11.58 15.24 2.40
C ARG A 300 -10.80 14.37 3.40
N TRP A 301 -9.47 14.28 3.24
CA TRP A 301 -8.67 13.49 4.15
C TRP A 301 -8.60 14.06 5.58
N ILE A 302 -8.67 15.39 5.72
CA ILE A 302 -8.36 16.03 6.99
C ILE A 302 -9.16 15.40 8.16
N ASP A 303 -10.46 15.18 7.97
CA ASP A 303 -11.25 14.57 9.03
C ASP A 303 -10.80 13.16 9.38
N TYR A 304 -10.33 12.40 8.40
CA TYR A 304 -9.78 11.08 8.68
C TYR A 304 -8.47 11.19 9.47
N GLY A 305 -7.62 12.13 9.09
CA GLY A 305 -6.36 12.32 9.80
C GLY A 305 -6.58 12.63 11.28
N LYS A 306 -7.59 13.46 11.56
CA LYS A 306 -7.93 13.82 12.93
C LYS A 306 -8.35 12.62 13.78
N MET A 307 -8.93 11.61 13.13
CA MET A 307 -9.50 10.46 13.84
C MET A 307 -8.63 9.21 13.79
N ALA A 308 -7.51 9.26 13.08
CA ALA A 308 -6.69 8.08 12.86
C ALA A 308 -6.19 7.47 14.17
N SER A 309 -6.29 6.15 14.30
N SER A 309 -6.33 6.16 14.29
CA SER A 309 -5.81 5.46 15.50
CA SER A 309 -5.74 5.44 15.40
C SER A 309 -4.32 5.17 15.41
C SER A 309 -4.23 5.58 15.36
N GLN A 310 -3.60 5.40 16.51
CA GLN A 310 -2.14 5.36 16.52
C GLN A 310 -1.58 4.22 17.34
N CYS A 311 -0.45 3.69 16.86
CA CYS A 311 0.38 2.79 17.66
C CYS A 311 1.31 3.61 18.55
N SER A 312 1.28 3.33 19.85
CA SER A 312 2.19 3.99 20.77
C SER A 312 3.02 2.96 21.54
N CYS A 313 2.96 1.69 21.12
CA CYS A 313 3.73 0.63 21.80
C CYS A 313 5.18 0.62 21.32
N GLY A 314 5.46 1.35 20.26
CA GLY A 314 6.82 1.47 19.75
C GLY A 314 7.15 0.63 18.53
N GLU A 315 6.29 -0.32 18.20
CA GLU A 315 6.59 -1.25 17.11
C GLU A 315 6.48 -0.60 15.74
N ALA A 316 5.43 0.20 15.53
CA ALA A 316 5.15 0.76 14.20
C ALA A 316 6.27 1.69 13.73
N ARG A 317 6.71 1.50 12.49
CA ARG A 317 7.70 2.38 11.89
C ARG A 317 7.06 3.73 11.62
N VAL A 318 7.87 4.79 11.65
CA VAL A 318 7.30 6.12 11.49
C VAL A 318 8.29 7.10 10.85
N THR A 319 7.84 7.69 9.75
CA THR A 319 8.62 8.65 9.00
C THR A 319 8.79 9.97 9.76
N PHE A 320 9.75 10.78 9.30
CA PHE A 320 9.99 12.11 9.86
C PHE A 320 8.73 12.97 9.81
N SER A 321 7.96 12.82 8.73
CA SER A 321 6.83 13.69 8.47
C SER A 321 5.66 13.46 9.43
N MET A 322 5.63 12.29 10.03
CA MET A 322 4.49 11.93 10.87
C MET A 322 4.31 12.84 12.08
N ASP A 323 5.43 13.31 12.64
CA ASP A 323 5.38 14.10 13.86
C ASP A 323 4.42 15.27 13.75
N ALA A 324 4.56 16.07 12.69
CA ALA A 324 3.75 17.26 12.51
C ALA A 324 2.28 16.93 12.35
N PHE A 325 1.99 15.81 11.66
N PHE A 325 1.97 15.80 11.71
CA PHE A 325 0.61 15.39 11.46
CA PHE A 325 0.55 15.49 11.50
C PHE A 325 -0.07 15.15 12.81
C PHE A 325 -0.14 15.05 12.79
N VAL A 326 0.58 14.35 13.67
CA VAL A 326 0.02 14.04 14.98
C VAL A 326 -0.03 15.31 15.85
N ARG A 327 1.05 16.09 15.79
CA ARG A 327 1.17 17.30 16.60
C ARG A 327 0.04 18.29 16.35
N ILE A 328 -0.30 18.51 15.08
CA ILE A 328 -1.31 19.49 14.71
C ILE A 328 -2.72 18.89 14.73
N LEU A 329 -2.90 17.69 14.19
CA LEU A 329 -4.26 17.15 14.08
C LEU A 329 -4.74 16.41 15.33
N GLN A 330 -3.80 15.90 16.13
N GLN A 330 -3.81 15.87 16.12
CA GLN A 330 -4.13 15.11 17.32
CA GLN A 330 -4.18 15.15 17.32
C GLN A 330 -3.34 15.53 18.56
C GLN A 330 -3.33 15.55 18.52
N PRO A 331 -3.42 16.82 18.94
CA PRO A 331 -2.59 17.29 20.04
C PRO A 331 -2.78 16.52 21.37
N GLU A 332 -3.99 16.03 21.66
CA GLU A 332 -4.18 15.26 22.90
C GLU A 332 -3.39 13.94 22.89
N ARG A 333 -3.17 13.37 21.71
CA ARG A 333 -2.48 12.09 21.62
C ARG A 333 -0.98 12.23 21.42
N TYR A 334 -0.52 13.44 21.16
CA TYR A 334 0.86 13.65 20.74
C TYR A 334 1.91 13.18 21.75
N ASP A 335 1.76 13.56 23.01
CA ASP A 335 2.76 13.21 24.02
C ASP A 335 2.94 11.70 24.15
N LEU A 336 1.83 10.97 24.24
CA LEU A 336 1.86 9.52 24.36
C LEU A 336 2.47 8.86 23.11
N TRP A 337 2.08 9.36 21.94
CA TRP A 337 2.61 8.83 20.69
C TRP A 337 4.11 9.08 20.59
N LYS A 338 4.53 10.28 20.99
CA LYS A 338 5.93 10.68 20.92
C LYS A 338 6.81 9.77 21.78
N ARG A 339 6.29 9.36 22.94
CA ARG A 339 7.01 8.43 23.80
C ARG A 339 7.22 7.09 23.11
N GLY A 340 6.25 6.69 22.30
CA GLY A 340 6.36 5.45 21.55
C GLY A 340 7.42 5.54 20.47
N GLN A 341 7.59 6.74 19.91
CA GLN A 341 8.59 6.97 18.87
C GLN A 341 9.99 7.03 19.47
#